data_6TYT
#
_entry.id   6TYT
#
_cell.length_a   43.642
_cell.length_b   79.407
_cell.length_c   146.174
_cell.angle_alpha   90.000
_cell.angle_beta   90.000
_cell.angle_gamma   90.000
#
_symmetry.space_group_name_H-M   'C 2 2 21'
#
loop_
_entity.id
_entity.type
_entity.pdbx_description
1 polymer 'X-ray repair cross-complementing protein 5'
2 polymer ALA-LYS-GLY-LEU-PHE-MET
3 polymer ARG-LYS-ARG-ILE-LEU-PRO-THR-TRP-MET-LEU-ALA
4 water water
#
loop_
_entity_poly.entity_id
_entity_poly.type
_entity_poly.pdbx_seq_one_letter_code
_entity_poly.pdbx_strand_id
1 'polypeptide(L)'
;MHHHHHHMARAAKSAVVLCMDVGLAMSHSNQGKESPFEQAKKVMMLFLQRQVFAESKDEIAVVLYGTDTTDNALAREDQY
ENISVHRHLMLPDFDLLEQIENVVEPGSVQADFLDALIVSMDLLQKETLGKKYTRLHIAVFSDLSSPFSVDQLEVIIANL
KKAEITLQFFLPFSVDEGSGPGKGLSDQQKEGIEMVRKIMFSLDGEEGLSEVFTFRDALERLSIFKKIERR
;
A
2 'polypeptide(L)' RPPAGASKPKKKAKGLFM B
3 'polypeptide(L)' LAERKRILPTWMLAEH C
#
# COMPACT_ATOMS: atom_id res chain seq x y z
N LYS A 13 14.86 -6.33 -12.84
CA LYS A 13 14.58 -5.74 -11.54
C LYS A 13 13.14 -5.21 -11.49
N SER A 14 12.49 -5.40 -10.35
CA SER A 14 11.13 -4.93 -10.14
C SER A 14 11.11 -3.79 -9.13
N ALA A 15 10.06 -2.99 -9.20
CA ALA A 15 9.82 -1.90 -8.26
C ALA A 15 8.56 -2.20 -7.48
N VAL A 16 8.67 -2.17 -6.15
CA VAL A 16 7.56 -2.48 -5.26
C VAL A 16 7.39 -1.32 -4.30
N VAL A 17 6.15 -0.85 -4.15
CA VAL A 17 5.80 0.21 -3.22
C VAL A 17 4.97 -0.42 -2.10
N LEU A 18 5.43 -0.27 -0.87
CA LEU A 18 4.70 -0.74 0.30
C LEU A 18 3.87 0.43 0.81
N CYS A 19 2.56 0.40 0.53
CA CYS A 19 1.63 1.45 0.93
C CYS A 19 0.98 1.01 2.23
N MET A 20 1.47 1.54 3.35
CA MET A 20 1.08 1.09 4.67
C MET A 20 0.12 2.08 5.31
N ASP A 21 -0.99 1.59 5.85
CA ASP A 21 -1.89 2.40 6.63
C ASP A 21 -1.35 2.55 8.05
N VAL A 22 -1.19 3.80 8.50
CA VAL A 22 -0.70 4.08 9.84
C VAL A 22 -1.71 4.96 10.56
N GLY A 23 -2.99 4.79 10.25
CA GLY A 23 -4.02 5.58 10.87
C GLY A 23 -4.23 5.22 12.33
N LEU A 24 -5.05 6.03 12.99
CA LEU A 24 -5.33 5.82 14.41
C LEU A 24 -5.90 4.42 14.65
N ALA A 25 -6.89 4.04 13.84
CA ALA A 25 -7.56 2.75 14.04
C ALA A 25 -6.63 1.57 13.87
N MET A 26 -5.53 1.74 13.12
CA MET A 26 -4.58 0.65 12.96
C MET A 26 -3.99 0.20 14.28
N SER A 27 -3.99 1.06 15.29
CA SER A 27 -3.47 0.72 16.62
C SER A 27 -4.53 0.13 17.54
N HIS A 28 -5.78 0.03 17.10
CA HIS A 28 -6.85 -0.49 17.93
C HIS A 28 -6.76 -2.01 17.99
N SER A 29 -6.84 -2.55 19.21
CA SER A 29 -6.81 -3.99 19.43
C SER A 29 -8.19 -4.48 19.85
N ASN A 30 -8.44 -5.78 19.60
CA ASN A 30 -9.72 -6.40 19.90
C ASN A 30 -9.46 -7.73 20.59
N GLN A 31 -9.91 -7.86 21.83
CA GLN A 31 -9.77 -9.10 22.59
C GLN A 31 -8.31 -9.49 22.76
N GLY A 32 -7.45 -8.49 22.99
CA GLY A 32 -6.04 -8.74 23.19
C GLY A 32 -5.29 -9.17 21.95
N LYS A 33 -5.93 -9.16 20.78
CA LYS A 33 -5.26 -9.55 19.56
C LYS A 33 -4.24 -8.49 19.13
N GLU A 34 -3.24 -8.93 18.37
CA GLU A 34 -2.24 -8.01 17.87
C GLU A 34 -2.86 -6.99 16.93
N SER A 35 -2.55 -5.72 17.17
CA SER A 35 -3.13 -4.65 16.36
C SER A 35 -2.72 -4.84 14.90
N PRO A 36 -3.58 -4.43 13.95
CA PRO A 36 -3.21 -4.56 12.53
C PRO A 36 -1.95 -3.80 12.18
N PHE A 37 -1.64 -2.72 12.89
CA PHE A 37 -0.38 -2.03 12.66
C PHE A 37 0.80 -2.96 12.91
N GLU A 38 0.74 -3.74 13.99
CA GLU A 38 1.80 -4.72 14.26
C GLU A 38 1.79 -5.84 13.23
N GLN A 39 0.59 -6.30 12.85
CA GLN A 39 0.49 -7.37 11.86
C GLN A 39 1.09 -6.94 10.53
N ALA A 40 0.68 -5.76 10.04
CA ALA A 40 1.24 -5.24 8.80
C ALA A 40 2.75 -5.09 8.91
N LYS A 41 3.24 -4.63 10.06
CA LYS A 41 4.68 -4.46 10.25
C LYS A 41 5.41 -5.78 10.10
N LYS A 42 4.90 -6.84 10.75
CA LYS A 42 5.54 -8.15 10.67
C LYS A 42 5.62 -8.62 9.22
N VAL A 43 4.55 -8.45 8.45
CA VAL A 43 4.55 -8.84 7.04
C VAL A 43 5.59 -8.04 6.28
N MET A 44 5.56 -6.71 6.42
CA MET A 44 6.53 -5.87 5.74
C MET A 44 7.95 -6.22 6.14
N MET A 45 8.18 -6.41 7.44
CA MET A 45 9.51 -6.76 7.92
C MET A 45 9.98 -8.07 7.30
N LEU A 46 9.14 -9.10 7.34
CA LEU A 46 9.53 -10.40 6.81
C LEU A 46 9.82 -10.32 5.33
N PHE A 47 9.06 -9.51 4.60
CA PHE A 47 9.30 -9.35 3.16
C PHE A 47 10.61 -8.60 2.90
N LEU A 48 10.85 -7.51 3.63
CA LEU A 48 12.02 -6.70 3.40
C LEU A 48 13.30 -7.50 3.64
N GLN A 49 13.45 -8.04 4.85
CA GLN A 49 14.67 -8.78 5.16
C GLN A 49 14.86 -9.97 4.22
N ARG A 50 13.78 -10.56 3.73
CA ARG A 50 13.91 -11.62 2.73
C ARG A 50 14.53 -11.07 1.45
N GLN A 51 14.20 -9.83 1.08
CA GLN A 51 14.81 -9.22 -0.08
C GLN A 51 16.24 -8.81 0.20
N VAL A 52 16.53 -8.35 1.41
CA VAL A 52 17.87 -7.88 1.75
C VAL A 52 18.84 -9.06 1.78
N PHE A 53 18.57 -10.04 2.63
CA PHE A 53 19.48 -11.17 2.81
C PHE A 53 19.57 -12.05 1.57
N ALA A 54 18.70 -11.87 0.59
CA ALA A 54 18.73 -12.65 -0.64
C ALA A 54 19.49 -11.97 -1.77
N GLU A 55 19.99 -10.75 -1.54
CA GLU A 55 20.71 -10.01 -2.58
C GLU A 55 19.82 -9.73 -3.78
N SER A 56 18.52 -9.59 -3.53
CA SER A 56 17.58 -9.34 -4.62
C SER A 56 17.88 -7.99 -5.28
N LYS A 57 17.60 -7.91 -6.58
CA LYS A 57 17.79 -6.69 -7.34
C LYS A 57 16.53 -5.82 -7.35
N ASP A 58 15.47 -6.23 -6.66
CA ASP A 58 14.24 -5.45 -6.63
C ASP A 58 14.41 -4.23 -5.73
N GLU A 59 13.93 -3.08 -6.22
CA GLU A 59 13.97 -1.84 -5.46
C GLU A 59 12.63 -1.63 -4.79
N ILE A 60 12.67 -1.11 -3.55
CA ILE A 60 11.49 -0.98 -2.71
C ILE A 60 11.29 0.47 -2.35
N ALA A 61 10.02 0.88 -2.30
CA ALA A 61 9.63 2.18 -1.78
C ALA A 61 8.55 1.98 -0.73
N VAL A 62 8.44 2.94 0.18
CA VAL A 62 7.49 2.86 1.29
C VAL A 62 6.75 4.19 1.37
N VAL A 63 5.41 4.13 1.27
CA VAL A 63 4.55 5.28 1.44
C VAL A 63 3.66 5.03 2.64
N LEU A 64 3.46 6.07 3.45
CA LEU A 64 2.64 5.99 4.65
C LEU A 64 1.49 6.99 4.52
N TYR A 65 0.27 6.53 4.80
CA TYR A 65 -0.88 7.40 4.80
C TYR A 65 -1.62 7.21 6.12
N GLY A 66 -1.97 8.33 6.76
CA GLY A 66 -2.42 8.33 8.13
C GLY A 66 -1.44 9.00 9.08
N THR A 67 -0.28 9.43 8.58
CA THR A 67 0.70 10.11 9.42
C THR A 67 0.21 11.49 9.80
N ASP A 68 0.55 11.92 11.02
CA ASP A 68 0.22 13.28 11.44
C ASP A 68 0.94 14.33 10.61
N THR A 69 2.02 13.95 9.94
CA THR A 69 2.75 14.84 9.06
C THR A 69 2.43 14.51 7.60
N THR A 70 2.47 15.54 6.75
CA THR A 70 2.24 15.40 5.32
C THR A 70 3.56 15.68 4.60
N ASP A 71 4.04 14.69 3.83
CA ASP A 71 5.33 14.82 3.16
C ASP A 71 5.29 13.98 1.88
N ASN A 72 4.70 14.55 0.83
CA ASN A 72 4.69 13.91 -0.48
C ASN A 72 4.69 15.01 -1.54
N ALA A 73 4.97 14.60 -2.78
CA ALA A 73 5.13 15.57 -3.86
C ALA A 73 3.81 16.23 -4.22
N LEU A 74 2.71 15.48 -4.17
CA LEU A 74 1.41 15.98 -4.59
C LEU A 74 0.65 16.70 -3.47
N ALA A 75 1.26 16.84 -2.29
CA ALA A 75 0.56 17.43 -1.15
C ALA A 75 0.16 18.87 -1.46
N ARG A 76 -1.09 19.20 -1.18
CA ARG A 76 -1.60 20.56 -1.34
C ARG A 76 -2.79 20.72 -0.41
N GLU A 77 -3.33 21.95 -0.38
CA GLU A 77 -4.46 22.27 0.48
C GLU A 77 -5.63 21.34 0.21
N ASP A 78 -5.94 20.46 1.18
CA ASP A 78 -7.04 19.51 1.06
C ASP A 78 -6.79 18.53 -0.09
N GLN A 79 -5.53 18.19 -0.34
CA GLN A 79 -5.16 17.28 -1.43
C GLN A 79 -4.00 16.43 -0.96
N TYR A 80 -4.24 15.13 -0.80
CA TYR A 80 -3.20 14.18 -0.41
C TYR A 80 -2.61 14.52 0.94
N GLU A 81 -3.48 14.83 1.91
CA GLU A 81 -3.04 15.21 3.23
C GLU A 81 -2.75 13.96 4.08
N ASN A 82 -1.81 14.11 5.00
CA ASN A 82 -1.44 13.05 5.94
C ASN A 82 -0.84 11.84 5.24
N ILE A 83 -0.22 12.06 4.08
CA ILE A 83 0.46 11.01 3.33
C ILE A 83 1.94 11.37 3.27
N SER A 84 2.79 10.46 3.70
CA SER A 84 4.23 10.70 3.79
C SER A 84 4.99 9.60 3.06
N VAL A 85 6.03 10.01 2.35
CA VAL A 85 6.94 9.06 1.67
C VAL A 85 8.07 8.75 2.64
N HIS A 86 8.09 7.52 3.15
CA HIS A 86 9.12 7.14 4.12
C HIS A 86 10.41 6.72 3.43
N ARG A 87 10.30 6.04 2.30
CA ARG A 87 11.48 5.55 1.58
C ARG A 87 11.22 5.65 0.09
N HIS A 88 12.11 6.33 -0.63
CA HIS A 88 11.99 6.43 -2.07
C HIS A 88 12.48 5.14 -2.73
N LEU A 89 12.25 5.06 -4.04
CA LEU A 89 12.53 3.84 -4.79
C LEU A 89 14.03 3.56 -4.80
N MET A 90 14.45 2.50 -4.14
CA MET A 90 15.84 2.09 -4.09
C MET A 90 15.92 0.73 -3.43
N LEU A 91 17.12 0.14 -3.45
CA LEU A 91 17.32 -1.16 -2.86
C LEU A 91 17.06 -1.12 -1.36
N PRO A 92 16.49 -2.17 -0.78
CA PRO A 92 16.30 -2.23 0.67
C PRO A 92 17.62 -2.48 1.38
N ASP A 93 17.73 -1.91 2.58
CA ASP A 93 18.94 -1.98 3.37
C ASP A 93 18.59 -2.17 4.83
N PHE A 94 19.62 -2.39 5.64
CA PHE A 94 19.41 -2.60 7.07
C PHE A 94 18.84 -1.37 7.75
N ASP A 95 19.14 -0.17 7.23
CA ASP A 95 18.53 1.04 7.77
C ASP A 95 17.01 0.99 7.61
N LEU A 96 16.54 0.52 6.45
CA LEU A 96 15.09 0.41 6.25
C LEU A 96 14.47 -0.56 7.25
N LEU A 97 15.16 -1.67 7.52
CA LEU A 97 14.64 -2.64 8.49
C LEU A 97 14.54 -2.01 9.88
N GLU A 98 15.58 -1.28 10.28
CA GLU A 98 15.54 -0.59 11.57
C GLU A 98 14.40 0.42 11.61
N GLN A 99 14.23 1.17 10.52
CA GLN A 99 13.18 2.18 10.47
C GLN A 99 11.80 1.55 10.60
N ILE A 100 11.51 0.56 9.75
CA ILE A 100 10.21 -0.10 9.81
C ILE A 100 10.02 -0.82 11.14
N GLU A 101 11.11 -1.33 11.73
CA GLU A 101 10.98 -2.16 12.92
C GLU A 101 10.69 -1.33 14.17
N ASN A 102 11.30 -0.14 14.27
CA ASN A 102 11.24 0.64 15.50
C ASN A 102 10.92 2.11 15.32
N VAL A 103 11.11 2.67 14.13
CA VAL A 103 10.86 4.10 13.91
C VAL A 103 9.41 4.37 13.51
N VAL A 104 8.92 3.65 12.51
CA VAL A 104 7.57 3.89 12.01
C VAL A 104 6.58 3.60 13.13
N GLU A 105 5.77 4.59 13.47
CA GLU A 105 4.74 4.48 14.49
C GLU A 105 3.40 4.92 13.92
N PRO A 106 2.29 4.52 14.53
CA PRO A 106 0.98 4.89 14.00
C PRO A 106 0.68 6.36 14.26
N GLY A 107 -0.18 6.91 13.40
CA GLY A 107 -0.60 8.29 13.50
C GLY A 107 -1.91 8.45 14.24
N SER A 108 -2.35 9.71 14.36
CA SER A 108 -3.57 10.06 15.06
C SER A 108 -4.73 10.36 14.14
N VAL A 109 -4.54 10.27 12.82
CA VAL A 109 -5.57 10.64 11.86
C VAL A 109 -5.88 9.46 10.96
N GLN A 110 -6.78 9.68 10.00
CA GLN A 110 -7.16 8.66 9.01
C GLN A 110 -7.10 9.32 7.63
N ALA A 111 -6.23 8.80 6.77
CA ALA A 111 -6.02 9.38 5.46
C ALA A 111 -6.80 8.60 4.39
N ASP A 112 -7.00 9.26 3.25
CA ASP A 112 -7.66 8.63 2.12
C ASP A 112 -6.70 7.63 1.46
N PHE A 113 -7.11 6.36 1.42
CA PHE A 113 -6.21 5.34 0.88
C PHE A 113 -6.09 5.44 -0.63
N LEU A 114 -7.10 5.99 -1.30
CA LEU A 114 -6.99 6.19 -2.75
C LEU A 114 -6.01 7.32 -3.06
N ASP A 115 -6.01 8.37 -2.25
CA ASP A 115 -4.94 9.36 -2.36
C ASP A 115 -3.58 8.72 -2.20
N ALA A 116 -3.44 7.83 -1.21
CA ALA A 116 -2.18 7.11 -1.02
C ALA A 116 -1.83 6.28 -2.25
N LEU A 117 -2.83 5.59 -2.82
CA LEU A 117 -2.58 4.80 -4.02
C LEU A 117 -2.03 5.68 -5.14
N ILE A 118 -2.60 6.89 -5.31
CA ILE A 118 -2.13 7.80 -6.34
C ILE A 118 -0.69 8.19 -6.08
N VAL A 119 -0.39 8.59 -4.84
CA VAL A 119 0.99 8.95 -4.48
C VAL A 119 1.94 7.82 -4.85
N SER A 120 1.56 6.58 -4.53
CA SER A 120 2.39 5.43 -4.87
C SER A 120 2.54 5.30 -6.37
N MET A 121 1.46 5.53 -7.13
CA MET A 121 1.54 5.49 -8.58
C MET A 121 2.42 6.62 -9.12
N ASP A 122 2.31 7.81 -8.52
CA ASP A 122 3.14 8.92 -8.95
C ASP A 122 4.60 8.71 -8.57
N LEU A 123 4.84 8.08 -7.41
CA LEU A 123 6.21 7.79 -7.01
C LEU A 123 6.88 6.84 -7.99
N LEU A 124 6.14 5.82 -8.44
CA LEU A 124 6.69 4.90 -9.44
C LEU A 124 6.91 5.60 -10.77
N GLN A 125 5.87 6.27 -11.27
CA GLN A 125 5.95 6.90 -12.59
C GLN A 125 7.11 7.89 -12.66
N LYS A 126 7.35 8.63 -11.58
CA LYS A 126 8.38 9.67 -11.60
C LYS A 126 9.77 9.08 -11.39
N GLU A 127 9.91 8.10 -10.50
CA GLU A 127 11.20 7.53 -10.16
C GLU A 127 11.54 6.28 -10.97
N THR A 128 10.78 5.98 -12.02
CA THR A 128 11.05 4.84 -12.88
C THR A 128 11.38 5.28 -14.31
N LEU A 129 11.47 6.59 -14.57
CA LEU A 129 11.74 7.06 -15.91
C LEU A 129 13.07 6.50 -16.42
N GLY A 130 13.06 6.06 -17.69
CA GLY A 130 14.26 5.57 -18.33
C GLY A 130 14.69 4.19 -17.83
N LYS A 131 14.89 4.07 -16.53
CA LYS A 131 15.32 2.80 -15.95
C LYS A 131 14.37 1.68 -16.36
N LYS A 132 14.94 0.52 -16.65
CA LYS A 132 14.17 -0.62 -17.13
C LYS A 132 13.76 -1.49 -15.95
N TYR A 133 12.45 -1.64 -15.75
CA TYR A 133 11.89 -2.50 -14.71
C TYR A 133 11.00 -3.54 -15.35
N THR A 134 11.08 -4.77 -14.85
CA THR A 134 10.28 -5.86 -15.39
C THR A 134 8.85 -5.85 -14.85
N ARG A 135 8.66 -5.41 -13.60
CA ARG A 135 7.36 -5.38 -12.98
C ARG A 135 7.23 -4.17 -12.08
N LEU A 136 6.05 -3.56 -12.08
CA LEU A 136 5.70 -2.49 -11.16
C LEU A 136 4.54 -2.95 -10.30
N HIS A 137 4.69 -2.86 -8.98
CA HIS A 137 3.73 -3.42 -8.06
C HIS A 137 3.54 -2.48 -6.87
N ILE A 138 2.32 -2.45 -6.35
CA ILE A 138 1.97 -1.69 -5.16
C ILE A 138 1.26 -2.64 -4.21
N ALA A 139 1.78 -2.75 -2.98
CA ALA A 139 1.18 -3.56 -1.94
C ALA A 139 0.60 -2.66 -0.87
N VAL A 140 -0.68 -2.84 -0.56
CA VAL A 140 -1.40 -2.00 0.38
C VAL A 140 -1.68 -2.80 1.64
N PHE A 141 -1.38 -2.20 2.80
CA PHE A 141 -1.61 -2.79 4.10
C PHE A 141 -2.55 -1.86 4.87
N SER A 142 -3.72 -2.36 5.25
CA SER A 142 -4.72 -1.49 5.87
C SER A 142 -5.83 -2.32 6.46
N ASP A 143 -6.54 -1.71 7.43
CA ASP A 143 -7.77 -2.27 7.97
C ASP A 143 -9.01 -1.67 7.32
N LEU A 144 -8.83 -0.75 6.37
CA LEU A 144 -9.93 -0.17 5.60
C LEU A 144 -10.91 0.61 6.47
N SER A 145 -10.48 1.03 7.66
CA SER A 145 -11.33 1.78 8.57
C SER A 145 -11.12 3.29 8.44
N SER A 146 -10.77 3.76 7.24
CA SER A 146 -10.59 5.17 6.99
C SER A 146 -11.50 5.63 5.86
N PRO A 147 -12.13 6.79 5.97
CA PRO A 147 -12.98 7.28 4.89
C PRO A 147 -12.15 7.65 3.67
N PHE A 148 -12.83 7.79 2.53
CA PHE A 148 -12.14 8.07 1.28
C PHE A 148 -13.14 8.59 0.26
N SER A 149 -12.64 9.40 -0.67
CA SER A 149 -13.43 9.92 -1.77
C SER A 149 -13.19 9.07 -3.01
N VAL A 150 -14.25 8.87 -3.79
CA VAL A 150 -14.18 8.04 -5.00
C VAL A 150 -14.03 8.89 -6.25
N ASP A 151 -13.72 10.17 -6.11
CA ASP A 151 -13.60 11.05 -7.27
C ASP A 151 -12.57 10.53 -8.25
N GLN A 152 -12.98 10.39 -9.51
CA GLN A 152 -12.07 10.00 -10.60
C GLN A 152 -11.45 8.63 -10.35
N LEU A 153 -12.24 7.71 -9.78
CA LEU A 153 -11.74 6.36 -9.52
C LEU A 153 -11.42 5.65 -10.84
N GLU A 154 -12.30 5.77 -11.84
CA GLU A 154 -12.08 5.09 -13.10
C GLU A 154 -10.77 5.52 -13.76
N VAL A 155 -10.33 6.76 -13.50
CA VAL A 155 -9.06 7.22 -14.06
C VAL A 155 -7.89 6.54 -13.35
N ILE A 156 -8.00 6.37 -12.03
CA ILE A 156 -6.95 5.69 -11.29
C ILE A 156 -6.76 4.28 -11.82
N ILE A 157 -7.87 3.56 -12.05
CA ILE A 157 -7.79 2.18 -12.52
C ILE A 157 -7.20 2.14 -13.92
N ALA A 158 -7.65 3.01 -14.81
CA ALA A 158 -7.14 3.02 -16.19
C ALA A 158 -5.64 3.25 -16.21
N ASN A 159 -5.14 4.15 -15.34
CA ASN A 159 -3.71 4.40 -15.30
C ASN A 159 -2.96 3.19 -14.74
N LEU A 160 -3.56 2.48 -13.78
CA LEU A 160 -2.95 1.24 -13.31
C LEU A 160 -2.79 0.25 -14.46
N LYS A 161 -3.83 0.12 -15.29
CA LYS A 161 -3.74 -0.76 -16.45
C LYS A 161 -2.78 -0.21 -17.49
N LYS A 162 -2.86 1.09 -17.77
CA LYS A 162 -1.99 1.68 -18.78
C LYS A 162 -0.52 1.59 -18.37
N ALA A 163 -0.24 1.74 -17.09
CA ALA A 163 1.14 1.71 -16.59
C ALA A 163 1.59 0.31 -16.19
N GLU A 164 0.72 -0.69 -16.28
CA GLU A 164 1.08 -2.07 -15.94
C GLU A 164 1.53 -2.18 -14.49
N ILE A 165 0.74 -1.61 -13.59
CA ILE A 165 1.03 -1.61 -12.16
C ILE A 165 0.07 -2.60 -11.52
N THR A 166 0.57 -3.79 -11.18
CA THR A 166 -0.23 -4.75 -10.45
C THR A 166 -0.46 -4.24 -9.02
N LEU A 167 -1.41 -4.88 -8.34
CA LEU A 167 -1.89 -4.38 -7.06
C LEU A 167 -2.22 -5.55 -6.14
N GLN A 168 -1.91 -5.38 -4.85
CA GLN A 168 -2.24 -6.36 -3.83
C GLN A 168 -2.68 -5.66 -2.57
N PHE A 169 -3.61 -6.28 -1.85
CA PHE A 169 -4.12 -5.77 -0.58
C PHE A 169 -3.89 -6.80 0.52
N PHE A 170 -3.53 -6.31 1.70
CA PHE A 170 -3.31 -7.16 2.87
C PHE A 170 -4.08 -6.59 4.03
N LEU A 171 -5.01 -7.38 4.57
CA LEU A 171 -5.97 -6.92 5.56
C LEU A 171 -5.86 -7.75 6.84
N PRO A 172 -6.42 -7.27 7.96
CA PRO A 172 -6.46 -8.06 9.17
C PRO A 172 -7.64 -9.03 9.26
N PHE A 173 -8.38 -9.20 8.17
CA PHE A 173 -9.57 -10.05 8.18
C PHE A 173 -9.82 -10.55 6.77
N SER A 174 -10.60 -11.62 6.68
CA SER A 174 -11.08 -12.10 5.40
C SER A 174 -12.30 -11.31 4.96
N VAL A 175 -12.69 -11.47 3.71
CA VAL A 175 -13.81 -10.73 3.14
C VAL A 175 -15.12 -11.39 3.57
N ASP A 176 -15.49 -11.19 4.83
CA ASP A 176 -16.73 -11.74 5.35
C ASP A 176 -17.00 -11.22 6.76
N GLY A 184 -17.78 -8.11 13.17
CA GLY A 184 -17.46 -6.97 13.99
C GLY A 184 -16.83 -5.84 13.20
N LEU A 185 -17.10 -5.80 11.91
CA LEU A 185 -16.56 -4.75 11.04
C LEU A 185 -17.42 -3.49 11.13
N SER A 186 -16.75 -2.35 10.99
CA SER A 186 -17.44 -1.07 11.03
C SER A 186 -18.10 -0.77 9.69
N ASP A 187 -18.93 0.27 9.68
CA ASP A 187 -19.58 0.69 8.45
C ASP A 187 -18.55 1.04 7.38
N GLN A 188 -17.59 1.89 7.73
CA GLN A 188 -16.57 2.29 6.75
C GLN A 188 -15.75 1.09 6.29
N GLN A 189 -15.42 0.19 7.22
CA GLN A 189 -14.67 -1.00 6.84
C GLN A 189 -15.43 -1.83 5.80
N LYS A 190 -16.74 -2.00 5.99
CA LYS A 190 -17.53 -2.71 4.99
C LYS A 190 -17.56 -1.96 3.67
N GLU A 191 -17.60 -0.63 3.72
CA GLU A 191 -17.55 0.16 2.50
C GLU A 191 -16.20 0.00 1.80
N GLY A 192 -15.11 -0.03 2.57
CA GLY A 192 -13.81 -0.21 1.96
C GLY A 192 -13.67 -1.57 1.28
N ILE A 193 -14.21 -2.61 1.91
CA ILE A 193 -14.14 -3.95 1.33
C ILE A 193 -14.72 -3.93 -0.09
N GLU A 194 -15.92 -3.37 -0.25
CA GLU A 194 -16.55 -3.37 -1.56
C GLU A 194 -15.72 -2.58 -2.58
N MET A 195 -15.19 -1.43 -2.16
CA MET A 195 -14.35 -0.64 -3.07
C MET A 195 -13.13 -1.42 -3.51
N VAL A 196 -12.45 -2.07 -2.56
CA VAL A 196 -11.28 -2.88 -2.89
C VAL A 196 -11.67 -3.97 -3.88
N ARG A 197 -12.70 -4.75 -3.56
CA ARG A 197 -13.13 -5.82 -4.45
C ARG A 197 -13.52 -5.28 -5.82
N LYS A 198 -14.16 -4.11 -5.85
CA LYS A 198 -14.49 -3.48 -7.12
C LYS A 198 -13.24 -3.18 -7.93
N ILE A 199 -12.24 -2.56 -7.29
CA ILE A 199 -10.99 -2.25 -7.98
C ILE A 199 -10.33 -3.53 -8.49
N MET A 200 -10.16 -4.52 -7.60
CA MET A 200 -9.43 -5.72 -7.97
C MET A 200 -10.15 -6.51 -9.04
N PHE A 201 -11.48 -6.55 -9.00
CA PHE A 201 -12.21 -7.27 -10.04
C PHE A 201 -12.06 -6.59 -11.39
N SER A 202 -12.09 -5.25 -11.41
CA SER A 202 -11.90 -4.54 -12.67
C SER A 202 -10.51 -4.76 -13.25
N LEU A 203 -9.53 -5.07 -12.39
CA LEU A 203 -8.16 -5.25 -12.85
C LEU A 203 -7.95 -6.65 -13.41
N ASP A 204 -8.42 -7.68 -12.71
CA ASP A 204 -8.19 -9.05 -13.16
C ASP A 204 -9.31 -10.01 -12.78
N GLY A 205 -10.51 -9.51 -12.51
CA GLY A 205 -11.64 -10.40 -12.26
C GLY A 205 -11.42 -11.30 -11.07
N GLU A 206 -11.85 -12.55 -11.19
CA GLU A 206 -11.73 -13.51 -10.10
C GLU A 206 -10.28 -13.62 -9.65
N GLU A 207 -9.35 -13.76 -10.59
CA GLU A 207 -7.94 -13.80 -10.23
C GLU A 207 -7.54 -12.56 -9.43
N GLY A 208 -8.17 -11.43 -9.71
CA GLY A 208 -7.87 -10.22 -8.95
C GLY A 208 -8.37 -10.29 -7.52
N LEU A 209 -9.56 -10.85 -7.32
CA LEU A 209 -10.09 -10.99 -5.97
C LEU A 209 -9.19 -11.85 -5.10
N SER A 210 -8.51 -12.84 -5.71
CA SER A 210 -7.61 -13.70 -4.95
C SER A 210 -6.33 -12.99 -4.54
N GLU A 211 -6.13 -11.74 -4.97
CA GLU A 211 -4.97 -10.96 -4.59
C GLU A 211 -5.24 -10.09 -3.36
N VAL A 212 -6.29 -10.39 -2.62
CA VAL A 212 -6.58 -9.74 -1.33
C VAL A 212 -6.34 -10.79 -0.25
N PHE A 213 -5.27 -10.61 0.52
CA PHE A 213 -4.85 -11.58 1.51
C PHE A 213 -5.03 -11.03 2.91
N THR A 214 -4.89 -11.94 3.88
CA THR A 214 -4.81 -11.56 5.28
C THR A 214 -3.35 -11.47 5.70
N PHE A 215 -3.11 -10.70 6.76
CA PHE A 215 -1.75 -10.61 7.30
C PHE A 215 -1.25 -11.98 7.74
N ARG A 216 -2.13 -12.78 8.35
CA ARG A 216 -1.75 -14.11 8.79
C ARG A 216 -1.34 -14.99 7.61
N ASP A 217 -2.19 -15.03 6.57
CA ASP A 217 -1.90 -15.85 5.40
C ASP A 217 -0.62 -15.41 4.72
N ALA A 218 -0.44 -14.10 4.53
CA ALA A 218 0.76 -13.60 3.87
C ALA A 218 2.00 -13.95 4.67
N LEU A 219 1.95 -13.82 6.00
CA LEU A 219 3.09 -14.18 6.82
C LEU A 219 3.45 -15.66 6.63
N GLU A 220 2.44 -16.51 6.45
CA GLU A 220 2.70 -17.93 6.25
C GLU A 220 3.38 -18.20 4.92
N ARG A 221 2.92 -17.55 3.85
CA ARG A 221 3.51 -17.78 2.54
C ARG A 221 4.95 -17.28 2.48
N LEU A 222 5.23 -16.17 3.18
CA LEU A 222 6.56 -15.56 3.18
C LEU A 222 7.56 -16.30 4.06
N SER A 223 7.25 -17.54 4.46
CA SER A 223 8.14 -18.34 5.30
C SER A 223 8.44 -19.70 4.65
N ILE A 224 8.43 -19.75 3.32
CA ILE A 224 8.65 -20.99 2.58
C ILE A 224 9.56 -20.67 1.40
N PHE A 225 10.81 -21.10 1.47
CA PHE A 225 11.77 -20.89 0.38
C PHE A 225 11.82 -19.43 -0.03
N ALA B 13 1.96 -17.28 -8.52
CA ALA B 13 2.47 -16.37 -7.50
C ALA B 13 2.94 -15.07 -8.13
N LYS B 14 2.80 -13.98 -7.39
CA LYS B 14 3.16 -12.66 -7.88
C LYS B 14 3.18 -11.70 -6.69
N GLY B 15 3.69 -10.50 -6.94
CA GLY B 15 3.72 -9.48 -5.91
C GLY B 15 4.81 -9.77 -4.89
N LEU B 16 4.46 -9.64 -3.61
CA LEU B 16 5.44 -9.87 -2.55
C LEU B 16 5.95 -11.30 -2.56
N PHE B 17 5.13 -12.24 -3.02
CA PHE B 17 5.52 -13.64 -3.12
C PHE B 17 6.25 -13.94 -4.42
N MET B 18 6.43 -12.94 -5.28
CA MET B 18 7.11 -13.12 -6.56
C MET B 18 8.50 -13.70 -6.34
N ARG C 4 -15.42 14.59 -2.27
CA ARG C 4 -14.42 15.64 -2.25
C ARG C 4 -13.66 15.70 -3.57
N LYS C 5 -13.46 16.91 -4.09
CA LYS C 5 -12.77 17.09 -5.35
C LYS C 5 -11.32 16.62 -5.23
N ARG C 6 -10.82 16.01 -6.30
CA ARG C 6 -9.48 15.47 -6.36
C ARG C 6 -8.77 15.99 -7.61
N ILE C 7 -7.49 16.31 -7.47
CA ILE C 7 -6.67 16.83 -8.56
C ILE C 7 -5.60 15.79 -8.85
N LEU C 8 -5.75 15.07 -9.96
CA LEU C 8 -4.78 14.06 -10.35
C LEU C 8 -3.57 14.70 -11.02
N PRO C 9 -2.42 14.04 -10.98
CA PRO C 9 -1.25 14.57 -11.69
C PRO C 9 -1.48 14.56 -13.19
N THR C 10 -0.73 15.43 -13.88
CA THR C 10 -0.96 15.64 -15.30
C THR C 10 -0.72 14.35 -16.09
N TRP C 11 0.28 13.55 -15.69
CA TRP C 11 0.59 12.35 -16.44
C TRP C 11 -0.55 11.34 -16.42
N MET C 12 -1.41 11.40 -15.41
CA MET C 12 -2.59 10.53 -15.35
C MET C 12 -3.74 11.04 -16.21
N LEU C 13 -3.51 12.06 -17.04
CA LEU C 13 -4.55 12.64 -17.88
C LEU C 13 -4.19 12.58 -19.36
N ALA C 14 -3.16 11.83 -19.73
CA ALA C 14 -2.75 11.73 -21.12
C ALA C 14 -3.72 10.87 -21.92
#